data_7VUX
#
_entry.id   7VUX
#
_cell.length_a   56.290
_cell.length_b   68.410
_cell.length_c   77.310
_cell.angle_alpha   90.000
_cell.angle_beta   99.440
_cell.angle_gamma   90.000
#
_symmetry.space_group_name_H-M   'P 1 21 1'
#
loop_
_entity.id
_entity.type
_entity.pdbx_description
1 polymer 'Programmed cell death protein 1'
2 polymer 'Heavy chain of Fab fragment'
3 polymer 'Light chain of Fab fragment'
4 non-polymer THREONINE
5 non-polymer GLYCEROL
6 non-polymer 1,2-ETHANEDIOL
7 non-polymer 'MAGNESIUM ION'
8 non-polymer DI(HYDROXYETHYL)ETHER
9 non-polymer 'CHLORIDE ION'
10 water water
#
loop_
_entity_poly.entity_id
_entity_poly.type
_entity_poly.pdbx_seq_one_letter_code
_entity_poly.pdbx_strand_id
1 'polypeptide(L)'
;MWNPPTFSPALLVVTEGDNATFTCSFSNTSESFVLNWYRMSPSNQTDKLAAFPEDRSQPGQDSRFRVTQLPNGRDFHMSV
VRARRNDSGTYLCGAISLAPKAQIKESLRAELRVTERRAEVPTAHPSPSPENLYFQ
;
A
2 'polypeptide(L)'
;EVKLVESGGGLVQPGGSLRLSCAASGFAFSSYDMSWVRQAPGKRLEWVATISGGGRYTYYPDTVKGRFTISRDNAKNSHY
LQMNSLRAEDTAVYFCASPYGGYFDVWGQGTLVTVSSASTKGPSVFPLAPCSRSTSESTAALGCLVKDYFPEPVTVSWNS
GALTSGVHTFPAVLQSSGLYSLSSVVTVPSSSLGTKTYTCNVDHKPSNTKVDKRVE
;
H
3 'polypeptide(L)'
;EIVLTQSPATLSLSPGERATLSCRASQSISNFLHWYQQKPGQAPRLLIKYASQSISGIPARFSGSGSGTDFTLTISSLEP
EDFAVYFCQQSNSWPHTFGQGTKVEIKRTVAAPSVFIFPPSDEQLKSGTASVVCLLNNFYPREAKVQWKVDNALQSGNSQ
ESVTEQDSKDSTYSLSSTLTLSKADYEKHKVYACEVTHQGLSSPVTKSFNRGEC
;
L
#
# COMPACT_ATOMS: atom_id res chain seq x y z
N MET A 1 -15.58 -17.32 -20.10
CA MET A 1 -16.51 -18.42 -19.65
C MET A 1 -17.35 -18.94 -20.84
N TRP A 2 -17.16 -20.20 -21.20
CA TRP A 2 -17.74 -20.72 -22.46
C TRP A 2 -19.26 -20.75 -22.37
N ASN A 3 -19.84 -21.33 -21.28
CA ASN A 3 -21.31 -21.38 -21.10
C ASN A 3 -21.63 -20.95 -19.67
N PRO A 4 -22.84 -20.45 -19.45
CA PRO A 4 -23.29 -20.17 -18.08
C PRO A 4 -23.46 -21.50 -17.37
N PRO A 5 -23.44 -21.50 -16.04
CA PRO A 5 -23.79 -22.73 -15.37
C PRO A 5 -25.27 -23.09 -15.57
N THR A 6 -25.64 -24.37 -15.35
CA THR A 6 -27.04 -24.81 -15.36
C THR A 6 -27.49 -25.11 -13.93
N PHE A 7 -28.78 -25.03 -13.71
CA PHE A 7 -29.39 -25.20 -12.38
C PHE A 7 -30.63 -26.06 -12.56
N SER A 8 -30.74 -27.15 -11.82
CA SER A 8 -31.79 -28.16 -12.05
C SER A 8 -32.20 -28.75 -10.71
N PRO A 9 -33.45 -29.25 -10.60
CA PRO A 9 -34.47 -29.16 -11.63
C PRO A 9 -35.11 -27.78 -11.69
N ALA A 10 -35.84 -27.44 -12.77
CA ALA A 10 -36.56 -26.15 -12.88
C ALA A 10 -37.62 -25.98 -11.80
N LEU A 11 -38.25 -27.07 -11.37
CA LEU A 11 -39.23 -27.06 -10.26
C LEU A 11 -38.88 -28.19 -9.30
N LEU A 12 -38.62 -27.82 -8.07
CA LEU A 12 -38.34 -28.78 -6.98
C LEU A 12 -39.41 -28.62 -5.90
N VAL A 13 -40.14 -29.71 -5.64
CA VAL A 13 -41.18 -29.72 -4.59
C VAL A 13 -40.78 -30.67 -3.47
N VAL A 14 -40.81 -30.21 -2.23
CA VAL A 14 -40.49 -31.06 -1.05
C VAL A 14 -41.54 -30.76 0.03
N THR A 15 -41.63 -31.65 1.01
CA THR A 15 -42.43 -31.43 2.25
C THR A 15 -41.58 -30.70 3.32
N GLU A 16 -42.16 -29.68 3.96
CA GLU A 16 -41.45 -28.97 5.07
C GLU A 16 -40.79 -29.95 6.04
N GLY A 17 -39.55 -29.67 6.46
CA GLY A 17 -38.78 -30.52 7.36
C GLY A 17 -37.80 -31.43 6.63
N ASP A 18 -38.09 -31.73 5.36
CA ASP A 18 -37.23 -32.59 4.52
C ASP A 18 -36.17 -31.69 3.87
N ASN A 19 -35.23 -32.32 3.20
CA ASN A 19 -34.16 -31.56 2.49
C ASN A 19 -34.55 -31.40 1.03
N ALA A 20 -34.11 -30.30 0.46
CA ALA A 20 -34.31 -30.02 -0.96
C ALA A 20 -32.93 -29.80 -1.61
N THR A 21 -32.63 -30.56 -2.63
CA THR A 21 -31.32 -30.51 -3.31
C THR A 21 -31.48 -30.14 -4.76
N PHE A 22 -30.92 -28.98 -5.11
CA PHE A 22 -30.68 -28.58 -6.50
C PHE A 22 -29.26 -29.00 -6.90
N THR A 23 -29.03 -29.05 -8.21
CA THR A 23 -27.70 -29.24 -8.81
C THR A 23 -27.37 -28.04 -9.68
N CYS A 24 -26.23 -27.44 -9.37
CA CYS A 24 -25.60 -26.42 -10.23
C CYS A 24 -24.48 -27.14 -10.97
N SER A 25 -24.51 -27.07 -12.31
CA SER A 25 -23.48 -27.74 -13.12
C SER A 25 -22.63 -26.69 -13.84
N PHE A 26 -21.32 -26.84 -13.72
CA PHE A 26 -20.37 -25.81 -14.26
C PHE A 26 -19.14 -26.55 -14.73
N SER A 27 -18.98 -26.73 -16.03
CA SER A 27 -17.79 -27.47 -16.54
C SER A 27 -16.55 -26.63 -16.23
N ASN A 28 -15.53 -27.31 -15.78
CA ASN A 28 -14.29 -26.59 -15.39
C ASN A 28 -13.10 -27.55 -15.45
N THR A 29 -11.90 -26.98 -15.52
CA THR A 29 -10.63 -27.75 -15.46
C THR A 29 -9.89 -27.44 -14.16
N SER A 30 -10.61 -26.99 -13.12
CA SER A 30 -10.07 -26.54 -11.81
C SER A 30 -9.19 -25.28 -11.96
N GLU A 31 -9.37 -24.51 -13.04
CA GLU A 31 -8.83 -23.12 -13.09
C GLU A 31 -9.71 -22.28 -12.16
N SER A 32 -9.15 -21.23 -11.57
CA SER A 32 -9.83 -20.40 -10.53
C SER A 32 -11.28 -20.13 -10.94
N PHE A 33 -12.22 -20.41 -10.03
CA PHE A 33 -13.62 -19.97 -10.15
C PHE A 33 -14.24 -19.88 -8.78
N VAL A 34 -15.31 -19.11 -8.75
CA VAL A 34 -16.23 -19.01 -7.58
C VAL A 34 -17.63 -19.32 -8.11
N LEU A 35 -18.37 -20.19 -7.40
CA LEU A 35 -19.74 -20.58 -7.75
C LEU A 35 -20.65 -20.11 -6.62
N ASN A 36 -21.65 -19.32 -6.96
CA ASN A 36 -22.53 -18.65 -5.98
C ASN A 36 -23.93 -19.29 -6.06
N TRP A 37 -24.61 -19.44 -4.93
CA TRP A 37 -26.03 -19.85 -4.91
C TRP A 37 -26.85 -18.65 -4.43
N TYR A 38 -27.90 -18.29 -5.17
CA TYR A 38 -28.75 -17.13 -4.86
C TYR A 38 -30.21 -17.51 -4.72
N ARG A 39 -30.96 -16.71 -3.95
N ARG A 39 -30.91 -16.67 -3.94
CA ARG A 39 -32.43 -16.73 -3.91
CA ARG A 39 -32.38 -16.62 -3.76
C ARG A 39 -32.91 -15.30 -4.18
C ARG A 39 -32.85 -15.24 -4.25
N MET A 40 -33.97 -15.17 -4.97
CA MET A 40 -34.56 -13.87 -5.34
C MET A 40 -35.36 -13.38 -4.14
N SER A 41 -35.21 -12.11 -3.79
CA SER A 41 -36.06 -11.47 -2.77
C SER A 41 -37.37 -11.03 -3.40
N PRO A 42 -38.42 -10.70 -2.61
CA PRO A 42 -39.68 -10.24 -3.19
C PRO A 42 -39.56 -8.87 -3.91
N SER A 43 -38.42 -8.16 -3.79
CA SER A 43 -38.14 -6.88 -4.50
C SER A 43 -37.07 -7.04 -5.58
N ASN A 44 -36.87 -8.28 -6.07
CA ASN A 44 -35.99 -8.59 -7.22
C ASN A 44 -34.52 -8.36 -6.84
N GLN A 45 -34.16 -8.52 -5.56
CA GLN A 45 -32.73 -8.51 -5.14
C GLN A 45 -32.19 -9.94 -5.25
N THR A 46 -31.01 -10.11 -5.84
N THR A 46 -30.95 -10.09 -5.71
CA THR A 46 -30.29 -11.41 -5.88
CA THR A 46 -30.31 -11.42 -5.93
C THR A 46 -29.56 -11.51 -4.53
C THR A 46 -29.46 -11.74 -4.69
N ASP A 47 -30.04 -12.39 -3.66
CA ASP A 47 -29.42 -12.58 -2.31
C ASP A 47 -28.57 -13.86 -2.22
N LYS A 48 -27.31 -13.73 -1.78
CA LYS A 48 -26.36 -14.88 -1.84
C LYS A 48 -26.65 -15.77 -0.62
N LEU A 49 -26.83 -17.06 -0.85
CA LEU A 49 -27.07 -18.08 0.21
C LEU A 49 -25.77 -18.76 0.63
N ALA A 50 -24.86 -19.04 -0.32
CA ALA A 50 -23.64 -19.83 -0.09
C ALA A 50 -22.78 -19.68 -1.32
N ALA A 51 -21.52 -20.03 -1.16
CA ALA A 51 -20.52 -19.95 -2.23
C ALA A 51 -19.57 -21.13 -2.13
N PHE A 52 -19.05 -21.53 -3.27
CA PHE A 52 -17.95 -22.49 -3.39
C PHE A 52 -16.77 -21.79 -4.04
N PRO A 53 -15.62 -21.63 -3.32
CA PRO A 53 -15.55 -21.85 -1.90
C PRO A 53 -16.12 -20.65 -1.13
N GLU A 54 -16.12 -20.76 0.18
N GLU A 54 -16.18 -20.77 0.19
CA GLU A 54 -16.81 -19.83 1.09
CA GLU A 54 -16.90 -19.81 1.06
C GLU A 54 -16.21 -18.43 0.96
C GLU A 54 -16.23 -18.44 0.92
N ASP A 55 -17.05 -17.40 1.05
CA ASP A 55 -16.58 -16.00 1.02
C ASP A 55 -16.01 -15.71 2.41
N ARG A 56 -14.71 -15.48 2.46
CA ARG A 56 -13.98 -15.27 3.74
C ARG A 56 -14.28 -13.86 4.25
N SER A 57 -14.88 -12.98 3.46
CA SER A 57 -15.20 -11.59 3.89
C SER A 57 -16.64 -11.44 4.38
N GLN A 58 -17.44 -12.50 4.25
CA GLN A 58 -18.89 -12.42 4.60
C GLN A 58 -18.99 -12.74 6.07
N PRO A 59 -20.04 -12.20 6.76
CA PRO A 59 -20.06 -12.20 8.21
C PRO A 59 -20.27 -13.61 8.77
N GLY A 60 -20.70 -14.58 7.93
CA GLY A 60 -20.91 -15.98 8.35
C GLY A 60 -21.85 -16.72 7.40
N GLN A 61 -21.99 -18.04 7.58
N GLN A 61 -21.99 -18.04 7.54
CA GLN A 61 -22.74 -18.93 6.66
CA GLN A 61 -22.77 -18.88 6.58
C GLN A 61 -23.95 -19.56 7.35
C GLN A 61 -23.93 -19.58 7.29
N ASP A 62 -25.17 -19.34 6.85
CA ASP A 62 -26.40 -20.04 7.36
C ASP A 62 -26.19 -21.54 7.15
N SER A 63 -26.33 -22.35 8.19
CA SER A 63 -25.93 -23.77 8.21
C SER A 63 -26.90 -24.57 7.31
N ARG A 64 -28.07 -24.03 6.97
CA ARG A 64 -29.12 -24.79 6.24
C ARG A 64 -28.86 -24.76 4.73
N PHE A 65 -27.91 -23.95 4.27
CA PHE A 65 -27.68 -23.77 2.82
C PHE A 65 -26.28 -24.32 2.51
N ARG A 66 -26.22 -25.52 1.94
CA ARG A 66 -24.95 -26.25 1.83
C ARG A 66 -24.61 -26.52 0.37
N VAL A 67 -23.36 -26.39 0.04
CA VAL A 67 -22.87 -26.68 -1.33
C VAL A 67 -21.84 -27.82 -1.24
N THR A 68 -22.02 -28.85 -2.06
CA THR A 68 -21.17 -30.05 -2.08
C THR A 68 -20.76 -30.32 -3.53
N GLN A 69 -19.47 -30.31 -3.83
CA GLN A 69 -18.96 -30.66 -5.18
C GLN A 69 -19.02 -32.17 -5.30
N LEU A 70 -19.62 -32.67 -6.36
CA LEU A 70 -19.68 -34.13 -6.60
C LEU A 70 -18.36 -34.58 -7.26
N PRO A 71 -18.07 -35.89 -7.29
CA PRO A 71 -16.79 -36.41 -7.78
C PRO A 71 -16.39 -36.04 -9.21
N ASN A 72 -17.36 -35.81 -10.08
CA ASN A 72 -17.01 -35.46 -11.49
C ASN A 72 -16.50 -34.03 -11.56
N GLY A 73 -16.55 -33.27 -10.47
CA GLY A 73 -16.03 -31.88 -10.38
C GLY A 73 -16.93 -30.83 -11.02
N ARG A 74 -17.93 -31.20 -11.84
CA ARG A 74 -18.76 -30.26 -12.63
C ARG A 74 -20.08 -30.02 -11.93
N ASP A 75 -20.60 -31.03 -11.22
CA ASP A 75 -21.90 -30.97 -10.56
C ASP A 75 -21.73 -30.60 -9.10
N PHE A 76 -22.57 -29.67 -8.62
CA PHE A 76 -22.55 -29.19 -7.22
C PHE A 76 -23.96 -29.33 -6.69
N HIS A 77 -24.12 -30.10 -5.60
CA HIS A 77 -25.39 -30.08 -4.90
C HIS A 77 -25.49 -28.77 -4.10
N MET A 78 -26.65 -28.16 -4.23
CA MET A 78 -27.01 -26.95 -3.49
C MET A 78 -28.27 -27.33 -2.70
N SER A 79 -28.10 -27.52 -1.39
CA SER A 79 -29.15 -28.19 -0.57
C SER A 79 -29.68 -27.24 0.48
N VAL A 80 -31.00 -27.20 0.57
CA VAL A 80 -31.73 -26.54 1.69
C VAL A 80 -31.97 -27.66 2.68
N VAL A 81 -31.38 -27.56 3.86
CA VAL A 81 -31.51 -28.62 4.88
C VAL A 81 -32.70 -28.27 5.78
N ARG A 82 -33.58 -29.22 6.08
CA ARG A 82 -34.75 -28.97 6.95
C ARG A 82 -35.53 -27.77 6.38
N ALA A 83 -35.99 -27.92 5.15
CA ALA A 83 -36.65 -26.85 4.39
C ALA A 83 -37.90 -26.36 5.13
N ARG A 84 -38.10 -25.06 5.08
CA ARG A 84 -39.26 -24.38 5.71
C ARG A 84 -40.24 -23.93 4.62
N ARG A 85 -41.51 -23.82 4.97
CA ARG A 85 -42.48 -23.25 4.01
C ARG A 85 -42.02 -21.89 3.44
N ASN A 86 -41.43 -21.02 4.27
N ASN A 86 -41.40 -21.04 4.28
CA ASN A 86 -40.94 -19.69 3.82
CA ASN A 86 -40.90 -19.68 3.89
C ASN A 86 -39.55 -19.76 3.18
C ASN A 86 -39.67 -19.78 2.97
N ASP A 87 -39.08 -20.96 2.81
CA ASP A 87 -37.97 -21.16 1.83
C ASP A 87 -38.52 -21.23 0.41
N SER A 88 -39.83 -21.43 0.25
CA SER A 88 -40.43 -21.47 -1.10
C SER A 88 -40.02 -20.20 -1.81
N GLY A 89 -39.57 -20.30 -3.05
CA GLY A 89 -39.21 -19.15 -3.88
C GLY A 89 -38.40 -19.51 -5.09
N THR A 90 -37.64 -18.52 -5.57
CA THR A 90 -36.93 -18.57 -6.84
C THR A 90 -35.42 -18.59 -6.55
N TYR A 91 -34.75 -19.59 -7.08
CA TYR A 91 -33.33 -19.85 -6.79
C TYR A 91 -32.54 -19.95 -8.09
N LEU A 92 -31.23 -19.69 -8.01
CA LEU A 92 -30.35 -19.84 -9.19
C LEU A 92 -28.91 -20.00 -8.74
N CYS A 93 -28.01 -20.34 -9.65
CA CYS A 93 -26.57 -20.27 -9.32
C CYS A 93 -25.88 -19.36 -10.33
N GLY A 94 -24.68 -18.92 -9.99
CA GLY A 94 -23.87 -18.05 -10.84
C GLY A 94 -22.43 -18.41 -10.68
N ALA A 95 -21.63 -18.17 -11.70
CA ALA A 95 -20.21 -18.48 -11.73
C ALA A 95 -19.42 -17.24 -12.12
N ILE A 96 -18.24 -17.19 -11.53
CA ILE A 96 -17.20 -16.17 -11.85
C ILE A 96 -15.94 -16.91 -12.26
N SER A 97 -15.38 -16.59 -13.42
CA SER A 97 -14.08 -17.16 -13.81
C SER A 97 -13.28 -16.05 -14.47
N LEU A 98 -12.00 -16.30 -14.71
CA LEU A 98 -11.05 -15.18 -14.93
C LEU A 98 -10.26 -15.29 -16.21
N ALA A 99 -10.28 -16.45 -16.87
CA ALA A 99 -9.40 -16.69 -18.02
C ALA A 99 -10.24 -17.12 -19.20
N PRO A 100 -9.99 -16.57 -20.40
CA PRO A 100 -8.96 -15.57 -20.61
C PRO A 100 -9.31 -14.15 -20.21
N LYS A 101 -10.57 -13.91 -19.88
N LYS A 101 -10.59 -13.91 -19.87
CA LYS A 101 -10.95 -12.65 -19.22
CA LYS A 101 -11.09 -12.62 -19.36
C LYS A 101 -11.95 -13.01 -18.12
C LYS A 101 -12.23 -12.84 -18.36
N ALA A 102 -12.29 -12.02 -17.32
CA ALA A 102 -13.34 -12.19 -16.31
C ALA A 102 -14.75 -12.20 -16.92
N GLN A 103 -15.59 -13.12 -16.44
CA GLN A 103 -17.01 -13.14 -16.78
C GLN A 103 -17.79 -13.62 -15.55
N ILE A 104 -18.98 -13.06 -15.40
CA ILE A 104 -19.94 -13.41 -14.32
C ILE A 104 -21.21 -13.84 -15.04
N LYS A 105 -21.60 -15.11 -14.92
CA LYS A 105 -22.81 -15.55 -15.67
C LYS A 105 -23.74 -16.28 -14.69
N GLU A 106 -25.03 -16.04 -14.80
CA GLU A 106 -26.07 -16.69 -13.97
C GLU A 106 -26.73 -17.82 -14.77
N SER A 107 -27.15 -18.87 -14.05
CA SER A 107 -28.05 -19.90 -14.58
C SER A 107 -29.46 -19.34 -14.84
N LEU A 108 -30.30 -20.14 -15.52
CA LEU A 108 -31.75 -19.98 -15.50
C LEU A 108 -32.24 -20.16 -14.06
N ARG A 109 -33.37 -19.54 -13.75
N ARG A 109 -33.36 -19.54 -13.74
CA ARG A 109 -33.97 -19.62 -12.40
CA ARG A 109 -33.92 -19.61 -12.37
C ARG A 109 -34.75 -20.90 -12.27
C ARG A 109 -34.77 -20.86 -12.26
N ALA A 110 -34.86 -21.41 -11.05
CA ALA A 110 -35.73 -22.55 -10.72
C ALA A 110 -36.64 -22.17 -9.55
N GLU A 111 -37.72 -22.91 -9.38
CA GLU A 111 -38.68 -22.68 -8.29
C GLU A 111 -38.54 -23.79 -7.26
N LEU A 112 -38.49 -23.42 -5.98
CA LEU A 112 -38.61 -24.37 -4.86
C LEU A 112 -39.99 -24.17 -4.25
N ARG A 113 -40.72 -25.26 -4.09
CA ARG A 113 -41.99 -25.26 -3.34
C ARG A 113 -41.88 -26.19 -2.16
N VAL A 114 -42.03 -25.65 -0.96
CA VAL A 114 -42.01 -26.40 0.30
C VAL A 114 -43.44 -26.46 0.84
N THR A 115 -44.00 -27.66 0.86
CA THR A 115 -45.44 -27.85 1.15
C THR A 115 -45.64 -28.07 2.65
N GLU A 116 -46.87 -27.85 3.10
CA GLU A 116 -47.27 -28.07 4.51
C GLU A 116 -47.40 -29.57 4.75
N ARG A 117 -46.86 -30.03 5.86
CA ARG A 117 -46.91 -31.47 6.19
C ARG A 117 -48.37 -31.81 6.50
N ARG A 118 -48.89 -32.94 6.00
CA ARG A 118 -50.28 -33.40 6.32
C ARG A 118 -50.29 -34.08 7.69
N ALA A 119 -51.25 -33.80 8.60
CA ALA A 119 -51.37 -34.48 9.92
C ALA A 119 -51.84 -35.94 9.73
N GLU A 120 -51.63 -36.79 10.74
CA GLU A 120 -52.23 -38.15 10.85
C GLU A 120 -53.75 -38.03 10.62
N VAL A 121 -54.35 -38.91 9.83
CA VAL A 121 -55.81 -38.80 9.55
C VAL A 121 -56.62 -39.18 10.80
N PRO A 122 -57.48 -38.27 11.31
CA PRO A 122 -58.28 -38.53 12.50
C PRO A 122 -59.29 -39.66 12.22
N GLU B 1 -9.25 -13.93 12.16
CA GLU B 1 -9.24 -15.43 12.18
C GLU B 1 -8.61 -15.94 10.88
N VAL B 2 -8.97 -15.40 9.70
N VAL B 2 -8.96 -15.37 9.72
CA VAL B 2 -8.23 -15.74 8.45
CA VAL B 2 -8.25 -15.68 8.46
C VAL B 2 -6.92 -14.94 8.48
C VAL B 2 -6.92 -14.93 8.48
N LYS B 3 -5.78 -15.61 8.31
CA LYS B 3 -4.43 -14.96 8.38
C LYS B 3 -3.50 -15.49 7.28
N LEU B 4 -2.64 -14.62 6.80
CA LEU B 4 -1.42 -14.94 6.00
C LEU B 4 -0.22 -14.27 6.64
N VAL B 5 0.89 -15.00 6.77
CA VAL B 5 2.14 -14.51 7.41
C VAL B 5 3.31 -14.86 6.51
N GLU B 6 3.99 -13.86 5.96
CA GLU B 6 5.18 -14.00 5.11
C GLU B 6 6.44 -14.22 5.96
N SER B 7 7.45 -14.85 5.36
CA SER B 7 8.83 -14.99 5.91
C SER B 7 9.79 -14.93 4.73
N GLY B 8 11.06 -14.56 4.94
CA GLY B 8 12.11 -14.78 3.94
C GLY B 8 12.77 -13.52 3.40
N GLY B 9 12.24 -12.33 3.63
CA GLY B 9 12.84 -11.16 2.97
C GLY B 9 14.19 -10.79 3.58
N GLY B 10 15.05 -10.19 2.78
CA GLY B 10 16.35 -9.67 3.23
C GLY B 10 17.15 -9.13 2.09
N LEU B 11 18.46 -8.96 2.31
CA LEU B 11 19.43 -8.47 1.30
C LEU B 11 19.80 -9.60 0.37
N VAL B 12 19.87 -9.30 -0.90
CA VAL B 12 20.28 -10.25 -1.98
C VAL B 12 21.21 -9.46 -2.88
N GLN B 13 22.28 -10.09 -3.38
CA GLN B 13 23.17 -9.44 -4.36
C GLN B 13 22.52 -9.51 -5.73
N PRO B 14 22.77 -8.52 -6.61
CA PRO B 14 22.30 -8.59 -7.98
C PRO B 14 22.75 -9.90 -8.62
N GLY B 15 21.84 -10.54 -9.33
CA GLY B 15 22.01 -11.86 -9.96
C GLY B 15 21.69 -12.99 -9.03
N GLY B 16 21.44 -12.72 -7.75
CA GLY B 16 21.24 -13.71 -6.72
C GLY B 16 19.80 -14.17 -6.63
N SER B 17 19.53 -15.08 -5.68
N SER B 17 19.53 -15.07 -5.68
CA SER B 17 18.22 -15.77 -5.52
CA SER B 17 18.23 -15.77 -5.54
C SER B 17 17.72 -15.57 -4.09
C SER B 17 17.72 -15.66 -4.08
N LEU B 18 16.41 -15.66 -3.92
CA LEU B 18 15.77 -15.57 -2.61
C LEU B 18 14.45 -16.34 -2.70
N ARG B 19 14.08 -17.02 -1.64
CA ARG B 19 12.78 -17.72 -1.56
C ARG B 19 11.93 -17.14 -0.43
N LEU B 20 10.75 -16.65 -0.74
CA LEU B 20 9.79 -16.18 0.27
C LEU B 20 8.80 -17.30 0.56
N SER B 21 8.23 -17.27 1.77
N SER B 21 8.28 -17.28 1.79
CA SER B 21 7.20 -18.23 2.18
CA SER B 21 7.28 -18.24 2.30
C SER B 21 6.07 -17.50 2.89
C SER B 21 6.06 -17.45 2.77
N CYS B 22 4.90 -18.09 2.76
CA CYS B 22 3.64 -17.54 3.33
C CYS B 22 2.87 -18.69 3.95
N ALA B 23 2.58 -18.54 5.23
CA ALA B 23 1.86 -19.54 6.04
C ALA B 23 0.44 -19.03 6.24
N ALA B 24 -0.55 -19.86 5.93
CA ALA B 24 -1.98 -19.50 6.05
C ALA B 24 -2.60 -20.16 7.29
N SER B 25 -3.62 -19.54 7.84
CA SER B 25 -4.47 -20.18 8.89
C SER B 25 -5.88 -19.62 8.87
N GLY B 26 -6.82 -20.37 9.43
CA GLY B 26 -8.20 -19.95 9.67
C GLY B 26 -9.15 -20.16 8.50
N PHE B 27 -8.74 -20.85 7.43
CA PHE B 27 -9.60 -21.19 6.28
C PHE B 27 -9.00 -22.42 5.58
N ALA B 28 -9.78 -22.98 4.67
CA ALA B 28 -9.45 -24.20 3.92
C ALA B 28 -8.45 -23.80 2.84
N PHE B 29 -7.16 -23.88 3.17
CA PHE B 29 -6.06 -23.36 2.32
C PHE B 29 -6.16 -23.85 0.87
N SER B 30 -6.34 -25.15 0.60
CA SER B 30 -6.27 -25.71 -0.77
C SER B 30 -7.47 -25.26 -1.60
N SER B 31 -8.48 -24.61 -1.00
CA SER B 31 -9.69 -24.15 -1.73
C SER B 31 -9.43 -22.82 -2.44
N TYR B 32 -8.33 -22.13 -2.16
CA TYR B 32 -8.15 -20.73 -2.62
C TYR B 32 -6.86 -20.57 -3.41
N ASP B 33 -6.96 -19.66 -4.37
CA ASP B 33 -5.80 -19.08 -5.09
C ASP B 33 -4.85 -18.47 -4.06
N MET B 34 -3.57 -18.48 -4.36
CA MET B 34 -2.56 -17.76 -3.56
C MET B 34 -1.77 -16.90 -4.50
N SER B 35 -1.27 -15.78 -3.98
CA SER B 35 -0.61 -14.77 -4.80
C SER B 35 0.53 -14.09 -4.04
N TRP B 36 1.36 -13.38 -4.79
CA TRP B 36 2.35 -12.40 -4.31
C TRP B 36 2.12 -11.11 -5.07
N VAL B 37 2.13 -10.01 -4.37
CA VAL B 37 1.98 -8.65 -4.93
C VAL B 37 3.11 -7.81 -4.33
N ARG B 38 3.85 -7.08 -5.14
CA ARG B 38 5.00 -6.30 -4.61
C ARG B 38 4.71 -4.81 -4.69
N GLN B 39 5.38 -4.07 -3.82
CA GLN B 39 5.27 -2.60 -3.72
C GLN B 39 6.68 -2.00 -3.54
N ALA B 40 7.16 -1.43 -4.62
CA ALA B 40 8.45 -0.74 -4.73
C ALA B 40 8.24 0.73 -4.38
N PRO B 41 9.21 1.38 -3.71
CA PRO B 41 9.02 2.78 -3.35
C PRO B 41 8.83 3.58 -4.64
N GLY B 42 7.79 4.43 -4.69
CA GLY B 42 7.46 5.34 -5.81
C GLY B 42 6.75 4.64 -6.96
N LYS B 43 6.35 3.37 -6.78
CA LYS B 43 5.84 2.55 -7.90
C LYS B 43 4.46 2.01 -7.52
N ARG B 44 3.63 1.78 -8.51
CA ARG B 44 2.31 1.14 -8.25
C ARG B 44 2.53 -0.30 -7.77
N LEU B 45 1.61 -0.79 -6.94
CA LEU B 45 1.50 -2.25 -6.61
C LEU B 45 1.61 -3.02 -7.90
N GLU B 46 2.29 -4.15 -7.85
CA GLU B 46 2.50 -5.01 -9.03
C GLU B 46 2.25 -6.45 -8.59
N TRP B 47 1.18 -7.05 -9.12
CA TRP B 47 0.93 -8.49 -9.00
C TRP B 47 2.09 -9.24 -9.69
N VAL B 48 2.67 -10.25 -9.03
CA VAL B 48 3.84 -10.98 -9.62
C VAL B 48 3.61 -12.47 -9.70
N ALA B 49 2.61 -13.06 -9.05
CA ALA B 49 2.34 -14.48 -9.27
C ALA B 49 1.00 -14.89 -8.64
N THR B 50 0.34 -15.85 -9.27
CA THR B 50 -0.84 -16.56 -8.69
C THR B 50 -0.70 -18.06 -8.93
N ILE B 51 -1.11 -18.82 -7.93
CA ILE B 51 -1.25 -20.30 -8.03
C ILE B 51 -2.66 -20.72 -7.64
N SER B 52 -3.22 -21.69 -8.36
CA SER B 52 -4.54 -22.27 -8.08
C SER B 52 -4.48 -23.15 -6.83
N GLY B 53 -5.65 -23.36 -6.24
CA GLY B 53 -5.91 -24.16 -5.04
C GLY B 53 -5.11 -25.47 -5.05
N GLY B 54 -5.21 -26.20 -6.16
CA GLY B 54 -4.54 -27.52 -6.30
C GLY B 54 -3.11 -27.44 -6.83
N GLY B 55 -2.59 -26.25 -7.11
CA GLY B 55 -1.20 -26.08 -7.59
C GLY B 55 -0.99 -26.34 -9.07
N ARG B 56 -2.01 -26.71 -9.84
CA ARG B 56 -1.81 -27.12 -11.26
C ARG B 56 -1.66 -25.90 -12.18
N TYR B 57 -2.17 -24.73 -11.78
CA TYR B 57 -2.11 -23.55 -12.66
C TYR B 57 -1.29 -22.47 -11.97
N THR B 58 -0.41 -21.85 -12.72
CA THR B 58 0.41 -20.71 -12.26
C THR B 58 0.34 -19.63 -13.32
N TYR B 59 0.37 -18.39 -12.86
CA TYR B 59 0.27 -17.19 -13.70
C TYR B 59 1.29 -16.18 -13.21
N TYR B 60 1.92 -15.50 -14.16
CA TYR B 60 2.93 -14.45 -13.86
C TYR B 60 2.80 -13.33 -14.88
N PRO B 61 3.17 -12.09 -14.52
CA PRO B 61 3.30 -11.04 -15.52
C PRO B 61 4.62 -11.28 -16.26
N ASP B 62 4.75 -10.70 -17.44
CA ASP B 62 6.00 -10.82 -18.24
C ASP B 62 7.21 -10.30 -17.47
N THR B 63 7.09 -9.32 -16.57
CA THR B 63 8.22 -8.66 -15.86
C THR B 63 8.99 -9.67 -15.00
N VAL B 64 8.43 -10.84 -14.68
CA VAL B 64 9.12 -11.83 -13.81
C VAL B 64 9.11 -13.21 -14.46
N LYS B 65 8.59 -13.33 -15.67
CA LYS B 65 8.45 -14.68 -16.30
C LYS B 65 9.86 -15.23 -16.52
N GLY B 66 10.11 -16.47 -16.10
CA GLY B 66 11.40 -17.16 -16.23
C GLY B 66 12.31 -16.96 -15.03
N ARG B 67 12.03 -15.98 -14.16
CA ARG B 67 12.82 -15.70 -12.95
C ARG B 67 12.08 -16.16 -11.72
N PHE B 68 10.76 -15.96 -11.67
CA PHE B 68 9.98 -16.24 -10.45
C PHE B 68 9.19 -17.54 -10.65
N THR B 69 9.06 -18.32 -9.60
CA THR B 69 8.24 -19.55 -9.57
C THR B 69 7.42 -19.55 -8.29
N ILE B 70 6.10 -19.67 -8.41
CA ILE B 70 5.18 -19.81 -7.25
C ILE B 70 4.86 -21.31 -7.13
N SER B 71 4.85 -21.81 -5.90
CA SER B 71 4.52 -23.20 -5.58
C SER B 71 3.79 -23.22 -4.26
N ARG B 72 3.15 -24.33 -3.93
CA ARG B 72 2.47 -24.49 -2.65
C ARG B 72 2.60 -25.90 -2.12
N ASP B 73 2.50 -25.98 -0.81
CA ASP B 73 2.49 -27.27 -0.05
C ASP B 73 1.20 -27.25 0.76
N ASN B 74 0.14 -27.81 0.20
CA ASN B 74 -1.21 -27.80 0.82
C ASN B 74 -1.18 -28.47 2.19
N ALA B 75 -0.38 -29.54 2.39
CA ALA B 75 -0.27 -30.23 3.70
C ALA B 75 0.33 -29.28 4.73
N LYS B 76 1.20 -28.34 4.31
CA LYS B 76 1.84 -27.37 5.24
C LYS B 76 1.08 -26.03 5.27
N ASN B 77 -0.02 -25.88 4.55
CA ASN B 77 -0.80 -24.60 4.52
C ASN B 77 0.13 -23.44 4.13
N SER B 78 1.05 -23.68 3.19
CA SER B 78 2.06 -22.66 2.79
C SER B 78 2.17 -22.56 1.29
N HIS B 79 2.58 -21.38 0.82
CA HIS B 79 3.05 -21.19 -0.56
C HIS B 79 4.33 -20.39 -0.56
N TYR B 80 5.01 -20.45 -1.68
CA TYR B 80 6.39 -19.97 -1.81
C TYR B 80 6.52 -19.21 -3.10
N LEU B 81 7.43 -18.23 -3.06
CA LEU B 81 7.88 -17.53 -4.26
C LEU B 81 9.40 -17.66 -4.37
N GLN B 82 9.84 -18.47 -5.31
CA GLN B 82 11.29 -18.59 -5.63
C GLN B 82 11.62 -17.50 -6.63
N MET B 83 12.59 -16.67 -6.26
N MET B 83 12.47 -16.58 -6.22
CA MET B 83 12.97 -15.45 -6.99
CA MET B 83 12.93 -15.49 -7.10
C MET B 83 14.44 -15.57 -7.45
C MET B 83 14.40 -15.75 -7.44
N ASN B 84 14.66 -15.83 -8.74
CA ASN B 84 16.02 -15.96 -9.30
C ASN B 84 16.41 -14.71 -10.07
N SER B 85 17.72 -14.58 -10.31
CA SER B 85 18.28 -13.54 -11.19
C SER B 85 17.71 -12.17 -10.82
N LEU B 86 17.77 -11.84 -9.53
CA LEU B 86 17.20 -10.57 -9.02
C LEU B 86 18.02 -9.36 -9.49
N ARG B 87 17.34 -8.24 -9.68
CA ARG B 87 17.94 -6.98 -10.16
C ARG B 87 17.52 -5.88 -9.19
N ALA B 88 18.20 -4.72 -9.27
CA ALA B 88 17.90 -3.50 -8.48
C ALA B 88 16.37 -3.22 -8.50
N GLU B 89 15.73 -3.41 -9.65
CA GLU B 89 14.32 -3.03 -9.92
C GLU B 89 13.37 -3.98 -9.19
N ASP B 90 13.87 -5.11 -8.66
CA ASP B 90 13.04 -6.08 -7.89
C ASP B 90 13.00 -5.71 -6.41
N THR B 91 13.75 -4.70 -5.98
CA THR B 91 13.70 -4.23 -4.57
C THR B 91 12.26 -3.72 -4.26
N ALA B 92 11.65 -4.27 -3.21
CA ALA B 92 10.22 -4.00 -2.93
C ALA B 92 9.81 -4.69 -1.64
N VAL B 93 8.70 -4.22 -1.09
CA VAL B 93 7.92 -5.02 -0.12
C VAL B 93 7.12 -6.04 -0.90
N TYR B 94 7.23 -7.32 -0.52
CA TYR B 94 6.51 -8.43 -1.15
C TYR B 94 5.43 -8.85 -0.17
N PHE B 95 4.18 -8.66 -0.59
CA PHE B 95 3.00 -9.11 0.16
C PHE B 95 2.55 -10.47 -0.38
N CYS B 96 2.35 -11.46 0.50
N CYS B 96 2.36 -11.39 0.56
CA CYS B 96 1.51 -12.60 0.10
CA CYS B 96 1.48 -12.55 0.39
C CYS B 96 0.05 -12.18 0.27
C CYS B 96 0.03 -12.05 0.22
N ALA B 97 -0.81 -12.67 -0.61
CA ALA B 97 -2.24 -12.33 -0.63
C ALA B 97 -3.00 -13.50 -1.20
N SER B 98 -4.31 -13.47 -1.06
CA SER B 98 -5.16 -14.54 -1.62
C SER B 98 -6.32 -13.90 -2.35
N PRO B 99 -6.42 -14.01 -3.67
CA PRO B 99 -7.55 -13.45 -4.36
C PRO B 99 -8.75 -14.41 -4.41
N TYR B 100 -9.90 -13.83 -4.70
CA TYR B 100 -11.21 -14.51 -4.67
C TYR B 100 -12.03 -13.91 -5.81
N GLY B 101 -11.97 -14.50 -7.00
CA GLY B 101 -12.78 -14.03 -8.14
C GLY B 101 -12.33 -12.69 -8.69
N GLY B 102 -11.06 -12.36 -8.50
CA GLY B 102 -10.53 -11.13 -9.12
C GLY B 102 -9.95 -10.13 -8.16
N TYR B 103 -10.38 -10.13 -6.90
CA TYR B 103 -9.91 -9.11 -5.92
C TYR B 103 -9.20 -9.82 -4.77
N PHE B 104 -8.30 -9.13 -4.07
CA PHE B 104 -7.51 -9.69 -2.96
C PHE B 104 -8.18 -9.35 -1.63
N ASP B 105 -8.84 -10.34 -1.03
CA ASP B 105 -9.58 -10.07 0.22
C ASP B 105 -8.82 -10.62 1.42
N VAL B 106 -7.66 -11.21 1.26
CA VAL B 106 -6.73 -11.58 2.38
C VAL B 106 -5.31 -11.21 1.99
N TRP B 107 -4.59 -10.56 2.91
CA TRP B 107 -3.22 -10.08 2.71
C TRP B 107 -2.37 -10.43 3.93
N GLY B 108 -1.10 -10.66 3.69
CA GLY B 108 -0.05 -10.72 4.71
C GLY B 108 0.40 -9.34 5.12
N GLN B 109 1.59 -9.29 5.73
CA GLN B 109 2.15 -8.08 6.36
C GLN B 109 3.17 -7.41 5.46
N GLY B 110 3.64 -8.10 4.43
CA GLY B 110 4.69 -7.60 3.56
C GLY B 110 6.03 -8.02 4.14
N THR B 111 6.96 -8.46 3.29
CA THR B 111 8.39 -8.73 3.65
C THR B 111 9.29 -8.01 2.66
N LEU B 112 10.25 -7.23 3.16
CA LEU B 112 11.10 -6.36 2.33
C LEU B 112 12.22 -7.20 1.72
N VAL B 113 12.42 -7.06 0.42
CA VAL B 113 13.55 -7.66 -0.33
C VAL B 113 14.35 -6.50 -0.90
N THR B 114 15.64 -6.46 -0.59
CA THR B 114 16.51 -5.37 -1.02
C THR B 114 17.65 -5.99 -1.78
N VAL B 115 17.82 -5.56 -3.04
N VAL B 115 17.83 -5.57 -3.02
CA VAL B 115 18.84 -6.08 -4.00
CA VAL B 115 18.87 -6.13 -3.91
C VAL B 115 19.95 -5.04 -4.07
C VAL B 115 19.95 -5.07 -4.05
N SER B 116 21.13 -5.37 -3.57
CA SER B 116 22.27 -4.42 -3.55
C SER B 116 23.58 -5.20 -3.43
N SER B 117 24.65 -4.68 -4.03
CA SER B 117 26.02 -5.23 -3.87
C SER B 117 26.77 -4.49 -2.75
N ALA B 118 26.12 -3.58 -2.00
CA ALA B 118 26.80 -2.79 -0.94
C ALA B 118 27.16 -3.71 0.24
N SER B 119 28.23 -3.37 0.98
CA SER B 119 28.69 -4.10 2.17
C SER B 119 28.31 -3.27 3.39
N THR B 120 28.09 -3.95 4.49
CA THR B 120 27.70 -3.35 5.76
C THR B 120 28.69 -2.25 6.13
N LYS B 121 28.16 -1.10 6.55
CA LYS B 121 28.98 -0.03 7.13
C LYS B 121 28.14 0.91 7.98
N GLY B 122 28.71 1.24 9.12
CA GLY B 122 28.13 2.16 10.11
C GLY B 122 28.17 3.58 9.57
N PRO B 123 27.21 4.44 9.97
CA PRO B 123 27.18 5.81 9.48
C PRO B 123 28.34 6.64 10.02
N SER B 124 28.68 7.67 9.24
CA SER B 124 29.44 8.86 9.70
C SER B 124 28.41 9.88 10.18
N VAL B 125 28.55 10.39 11.40
CA VAL B 125 27.57 11.32 12.00
C VAL B 125 28.22 12.69 12.14
N PHE B 126 27.63 13.68 11.50
CA PHE B 126 28.16 15.07 11.46
C PHE B 126 27.15 16.02 12.09
N PRO B 127 27.63 17.03 12.81
CA PRO B 127 26.71 18.01 13.37
C PRO B 127 26.16 18.91 12.27
N LEU B 128 24.88 19.32 12.44
CA LEU B 128 24.20 20.38 11.68
C LEU B 128 24.01 21.55 12.63
N ALA B 129 24.82 22.60 12.44
CA ALA B 129 24.71 23.78 13.32
C ALA B 129 24.89 25.00 12.43
N PRO B 130 24.25 26.12 12.80
CA PRO B 130 24.25 27.32 11.97
C PRO B 130 25.65 27.90 11.93
N CYS B 131 26.02 28.60 10.84
N CYS B 131 25.98 28.56 10.82
N CYS B 131 25.94 28.59 10.81
CA CYS B 131 27.41 29.14 10.64
CA CYS B 131 27.29 29.25 10.66
CA CYS B 131 27.24 29.29 10.54
C CYS B 131 27.65 30.32 11.63
C CYS B 131 27.58 30.08 11.89
C CYS B 131 27.59 30.14 11.77
N SER B 132 26.62 30.90 12.28
CA SER B 132 26.76 31.76 13.49
C SER B 132 25.71 31.36 14.55
N ARG B 133 26.18 31.15 15.81
CA ARG B 133 25.38 30.71 17.00
C ARG B 133 24.48 31.84 17.50
N SER B 134 24.97 33.09 17.42
CA SER B 134 24.16 34.32 17.61
C SER B 134 23.10 34.37 16.52
N THR B 135 21.87 34.68 16.91
CA THR B 135 20.70 34.81 16.02
C THR B 135 19.81 35.90 16.61
N SER B 136 19.18 36.68 15.75
CA SER B 136 18.14 37.68 16.12
C SER B 136 16.78 36.98 16.32
N GLU B 137 16.72 35.66 16.15
CA GLU B 137 15.46 34.88 16.12
C GLU B 137 15.24 34.11 17.43
N SER B 138 13.99 33.89 17.80
CA SER B 138 13.58 33.21 19.05
C SER B 138 13.93 31.72 19.01
N THR B 139 14.01 31.15 17.81
CA THR B 139 14.16 29.70 17.56
C THR B 139 15.44 29.44 16.76
N ALA B 140 16.09 28.32 17.05
CA ALA B 140 17.29 27.89 16.33
C ALA B 140 17.06 26.43 15.92
N ALA B 141 17.58 26.02 14.77
CA ALA B 141 17.58 24.59 14.39
C ALA B 141 18.99 23.99 14.56
N LEU B 142 19.02 22.75 14.99
CA LEU B 142 20.25 21.93 15.11
C LEU B 142 19.93 20.57 14.56
N GLY B 143 20.97 19.80 14.31
CA GLY B 143 20.74 18.44 13.83
C GLY B 143 21.99 17.62 13.72
N CYS B 144 21.80 16.41 13.17
N CYS B 144 21.86 16.38 13.23
CA CYS B 144 22.87 15.46 12.81
CA CYS B 144 23.01 15.54 12.82
C CYS B 144 22.60 14.95 11.40
C CYS B 144 22.68 14.88 11.48
N LEU B 145 23.64 14.96 10.57
CA LEU B 145 23.65 14.26 9.29
C LEU B 145 24.28 12.89 9.50
N VAL B 146 23.52 11.87 9.15
CA VAL B 146 23.85 10.45 9.37
C VAL B 146 24.11 9.86 7.99
N LYS B 147 25.38 9.80 7.60
CA LYS B 147 25.77 9.64 6.20
C LYS B 147 26.50 8.32 5.97
N ASP B 148 26.23 7.72 4.82
CA ASP B 148 27.04 6.69 4.17
C ASP B 148 26.98 5.40 4.99
N TYR B 149 25.76 4.94 5.31
CA TYR B 149 25.58 3.68 6.04
C TYR B 149 24.87 2.67 5.15
N PHE B 150 25.00 1.39 5.50
CA PHE B 150 24.32 0.32 4.77
C PHE B 150 24.27 -0.90 5.68
N PRO B 151 23.17 -1.65 5.77
CA PRO B 151 21.90 -1.33 5.13
C PRO B 151 21.07 -0.49 6.10
N GLU B 152 19.81 -0.25 5.74
N GLU B 152 19.81 -0.23 5.74
CA GLU B 152 18.82 0.33 6.67
CA GLU B 152 18.83 0.36 6.68
C GLU B 152 18.57 -0.69 7.77
C GLU B 152 18.55 -0.67 7.76
N PRO B 153 18.04 -0.30 8.96
CA PRO B 153 17.90 1.10 9.35
C PRO B 153 18.93 1.63 10.36
N VAL B 154 18.84 2.92 10.61
CA VAL B 154 19.43 3.52 11.82
C VAL B 154 18.26 3.95 12.73
N THR B 155 18.57 4.08 14.01
CA THR B 155 17.70 4.73 15.02
C THR B 155 18.42 5.99 15.47
N VAL B 156 17.69 7.07 15.56
CA VAL B 156 18.21 8.34 16.10
C VAL B 156 17.34 8.76 17.27
N SER B 157 17.95 9.10 18.38
CA SER B 157 17.25 9.82 19.45
C SER B 157 18.07 11.06 19.78
N TRP B 158 17.50 11.92 20.61
CA TRP B 158 18.18 13.14 21.08
C TRP B 158 18.21 13.14 22.61
N ASN B 159 19.36 13.42 23.18
CA ASN B 159 19.54 13.55 24.65
C ASN B 159 19.01 12.25 25.28
N SER B 160 19.32 11.10 24.68
CA SER B 160 18.95 9.76 25.20
C SER B 160 17.43 9.58 25.35
N GLY B 161 16.61 10.29 24.54
CA GLY B 161 15.15 10.09 24.47
C GLY B 161 14.40 11.14 25.28
N ALA B 162 15.12 11.98 26.01
CA ALA B 162 14.56 13.06 26.84
C ALA B 162 14.02 14.17 25.92
N LEU B 163 14.53 14.28 24.70
CA LEU B 163 14.13 15.39 23.79
C LEU B 163 13.40 14.80 22.58
N THR B 164 12.10 14.99 22.54
CA THR B 164 11.20 14.43 21.51
C THR B 164 10.48 15.58 20.79
N SER B 165 10.15 16.67 21.49
CA SER B 165 9.37 17.80 20.91
C SER B 165 10.18 18.53 19.85
N GLY B 166 9.58 18.76 18.68
CA GLY B 166 10.22 19.58 17.63
C GLY B 166 11.21 18.76 16.79
N VAL B 167 11.34 17.46 17.06
CA VAL B 167 12.34 16.61 16.36
C VAL B 167 11.72 16.15 15.05
N HIS B 168 12.49 16.23 13.96
CA HIS B 168 12.12 15.57 12.68
C HIS B 168 13.27 14.68 12.22
N THR B 169 13.07 13.38 12.21
CA THR B 169 14.06 12.45 11.59
C THR B 169 13.57 12.10 10.19
N PHE B 170 14.33 12.47 9.16
CA PHE B 170 13.85 12.31 7.78
C PHE B 170 14.04 10.87 7.33
N PRO B 171 13.19 10.43 6.40
CA PRO B 171 13.43 9.18 5.70
C PRO B 171 14.81 9.20 5.02
N ALA B 172 15.50 8.05 5.02
CA ALA B 172 16.79 7.90 4.31
C ALA B 172 16.61 8.10 2.82
N VAL B 173 17.65 8.59 2.17
CA VAL B 173 17.75 8.56 0.69
C VAL B 173 18.92 7.65 0.36
N LEU B 174 18.74 6.88 -0.70
CA LEU B 174 19.81 6.04 -1.26
C LEU B 174 20.64 6.89 -2.19
N GLN B 175 21.94 7.04 -1.92
CA GLN B 175 22.86 7.85 -2.72
C GLN B 175 23.34 7.00 -3.90
N SER B 176 23.96 7.60 -4.91
CA SER B 176 24.49 6.88 -6.10
C SER B 176 25.54 5.84 -5.70
N SER B 177 26.20 6.01 -4.56
CA SER B 177 27.24 5.09 -4.02
C SER B 177 26.60 3.75 -3.57
N GLY B 178 25.28 3.71 -3.43
CA GLY B 178 24.56 2.57 -2.83
C GLY B 178 24.50 2.64 -1.31
N LEU B 179 24.98 3.72 -0.70
CA LEU B 179 24.87 3.95 0.76
C LEU B 179 23.74 4.94 1.04
N TYR B 180 23.13 4.80 2.19
CA TYR B 180 22.02 5.68 2.63
C TYR B 180 22.56 6.89 3.39
N SER B 181 21.75 7.96 3.41
CA SER B 181 22.02 9.19 4.18
C SER B 181 20.70 9.73 4.72
N LEU B 182 20.71 10.19 5.96
CA LEU B 182 19.53 10.90 6.46
C LEU B 182 19.97 11.99 7.38
N SER B 183 19.09 12.96 7.63
N SER B 183 19.04 12.91 7.66
CA SER B 183 19.31 13.98 8.67
CA SER B 183 19.24 14.00 8.62
C SER B 183 18.23 13.84 9.73
C SER B 183 18.20 13.83 9.74
N SER B 184 18.57 14.26 10.94
CA SER B 184 17.64 14.42 12.07
C SER B 184 17.87 15.82 12.59
N VAL B 185 16.78 16.58 12.77
CA VAL B 185 16.85 18.01 13.18
C VAL B 185 15.94 18.21 14.38
N VAL B 186 16.20 19.28 15.09
CA VAL B 186 15.28 19.70 16.18
C VAL B 186 15.30 21.23 16.21
N THR B 187 14.17 21.83 16.54
CA THR B 187 14.09 23.29 16.74
C THR B 187 13.96 23.53 18.24
N VAL B 188 14.69 24.53 18.70
CA VAL B 188 14.92 24.74 20.17
C VAL B 188 14.95 26.23 20.40
N PRO B 189 14.73 26.68 21.64
CA PRO B 189 14.84 28.11 21.94
C PRO B 189 16.28 28.60 21.75
N SER B 190 16.46 29.74 21.07
CA SER B 190 17.78 30.32 20.80
C SER B 190 18.51 30.62 22.12
N SER B 191 17.76 31.05 23.15
CA SER B 191 18.29 31.40 24.48
C SER B 191 19.07 30.22 25.08
N SER B 192 18.72 28.98 24.70
CA SER B 192 19.25 27.74 25.31
C SER B 192 20.61 27.33 24.69
N LEU B 193 20.99 27.89 23.54
CA LEU B 193 22.23 27.49 22.80
C LEU B 193 23.46 27.77 23.67
N GLY B 194 23.36 28.74 24.59
CA GLY B 194 24.34 28.97 25.67
C GLY B 194 24.35 27.83 26.67
N THR B 195 23.24 27.64 27.40
CA THR B 195 23.02 26.59 28.44
C THR B 195 23.06 25.20 27.78
N LYS B 196 21.87 24.66 27.41
CA LYS B 196 21.58 23.20 27.31
C LYS B 196 22.47 22.57 26.24
N THR B 197 22.84 21.30 26.44
CA THR B 197 23.59 20.47 25.47
C THR B 197 22.59 19.67 24.63
N TYR B 198 22.97 19.39 23.41
CA TYR B 198 22.12 18.65 22.44
C TYR B 198 23.01 17.59 21.80
N THR B 199 22.63 16.35 22.01
CA THR B 199 23.40 15.18 21.59
C THR B 199 22.48 14.28 20.80
N CYS B 200 22.85 13.96 19.57
N CYS B 200 22.99 13.81 19.67
CA CYS B 200 22.14 12.92 18.81
CA CYS B 200 22.30 12.93 18.72
C CYS B 200 22.77 11.56 19.13
C CYS B 200 22.81 11.50 18.93
N ASN B 201 21.91 10.56 19.25
CA ASN B 201 22.26 9.18 19.62
C ASN B 201 21.88 8.35 18.40
N VAL B 202 22.87 7.83 17.70
CA VAL B 202 22.67 7.12 16.40
C VAL B 202 23.18 5.69 16.50
N ASP B 203 22.23 4.75 16.39
CA ASP B 203 22.54 3.30 16.51
C ASP B 203 22.32 2.65 15.17
N HIS B 204 23.26 1.77 14.78
CA HIS B 204 23.16 0.97 13.56
C HIS B 204 23.48 -0.49 13.87
N LYS B 205 22.42 -1.29 14.04
CA LYS B 205 22.58 -2.64 14.59
C LYS B 205 23.37 -3.50 13.60
N PRO B 206 23.18 -3.40 12.25
CA PRO B 206 23.93 -4.24 11.32
C PRO B 206 25.45 -4.17 11.46
N SER B 207 25.98 -2.98 11.77
CA SER B 207 27.44 -2.77 11.99
C SER B 207 27.81 -2.82 13.47
N ASN B 208 26.83 -3.02 14.38
CA ASN B 208 27.08 -3.04 15.84
C ASN B 208 27.71 -1.71 16.28
N THR B 209 27.34 -0.60 15.67
CA THR B 209 27.91 0.73 16.01
C THR B 209 26.87 1.58 16.73
N LYS B 210 27.38 2.38 17.64
CA LYS B 210 26.63 3.42 18.37
C LYS B 210 27.46 4.67 18.40
N VAL B 211 26.87 5.77 17.99
CA VAL B 211 27.50 7.11 18.01
C VAL B 211 26.68 8.05 18.87
N ASP B 212 27.34 8.85 19.71
CA ASP B 212 26.72 10.03 20.34
C ASP B 212 27.44 11.24 19.76
N LYS B 213 26.73 12.22 19.24
CA LYS B 213 27.41 13.41 18.68
C LYS B 213 26.82 14.63 19.34
N ARG B 214 27.63 15.36 20.10
CA ARG B 214 27.21 16.66 20.71
C ARG B 214 27.19 17.72 19.59
N VAL B 215 26.13 18.51 19.47
CA VAL B 215 26.03 19.52 18.39
C VAL B 215 26.09 20.93 18.99
N GLU B 216 26.82 21.84 18.34
CA GLU B 216 27.08 23.24 18.82
C GLU B 216 27.02 24.22 17.65
N GLU C 1 -1.03 -4.42 -21.44
CA GLU C 1 -1.77 -4.48 -20.13
C GLU C 1 -2.78 -3.33 -20.08
N ILE C 2 -3.75 -3.46 -19.19
CA ILE C 2 -4.68 -2.35 -18.91
C ILE C 2 -3.99 -1.43 -17.93
N VAL C 3 -3.90 -0.16 -18.25
CA VAL C 3 -3.30 0.85 -17.37
C VAL C 3 -4.45 1.56 -16.64
N LEU C 4 -4.38 1.59 -15.30
CA LEU C 4 -5.35 2.38 -14.54
C LEU C 4 -4.70 3.68 -14.07
N THR C 5 -5.36 4.80 -14.33
CA THR C 5 -4.89 6.16 -13.99
C THR C 5 -5.82 6.79 -12.98
N GLN C 6 -5.29 7.03 -11.77
CA GLN C 6 -6.08 7.67 -10.73
C GLN C 6 -5.83 9.17 -10.73
N SER C 7 -6.83 9.90 -10.31
CA SER C 7 -6.74 11.37 -10.21
C SER C 7 -7.67 11.78 -9.08
N PRO C 8 -7.36 12.87 -8.36
CA PRO C 8 -6.09 13.57 -8.51
C PRO C 8 -4.99 12.78 -7.78
N ALA C 9 -3.72 13.19 -7.82
CA ALA C 9 -2.65 12.47 -7.07
C ALA C 9 -2.92 12.61 -5.56
N THR C 10 -3.31 13.80 -5.16
CA THR C 10 -3.58 14.16 -3.74
C THR C 10 -4.85 14.95 -3.63
N LEU C 11 -5.68 14.56 -2.68
CA LEU C 11 -6.86 15.34 -2.27
C LEU C 11 -6.54 15.88 -0.90
N SER C 12 -6.69 17.20 -0.71
CA SER C 12 -6.47 17.89 0.56
C SER C 12 -7.83 18.31 1.12
N LEU C 13 -8.29 17.64 2.16
CA LEU C 13 -9.68 17.83 2.67
C LEU C 13 -9.68 17.81 4.20
N SER C 14 -10.72 18.41 4.76
CA SER C 14 -10.94 18.44 6.21
C SER C 14 -11.86 17.31 6.60
N PRO C 15 -11.81 16.81 7.85
CA PRO C 15 -12.81 15.89 8.33
C PRO C 15 -14.19 16.49 8.08
N GLY C 16 -15.14 15.66 7.68
CA GLY C 16 -16.51 16.08 7.40
C GLY C 16 -16.75 16.35 5.93
N GLU C 17 -15.69 16.55 5.15
CA GLU C 17 -15.79 16.92 3.73
C GLU C 17 -15.92 15.64 2.90
N ARG C 18 -16.49 15.80 1.72
CA ARG C 18 -16.70 14.72 0.74
C ARG C 18 -15.43 14.54 -0.07
N ALA C 19 -15.05 13.29 -0.24
CA ALA C 19 -13.88 12.90 -1.08
C ALA C 19 -14.40 12.15 -2.30
N THR C 20 -14.05 12.64 -3.48
CA THR C 20 -14.33 11.98 -4.77
C THR C 20 -13.01 11.58 -5.41
N LEU C 21 -12.81 10.28 -5.61
CA LEU C 21 -11.58 9.67 -6.16
C LEU C 21 -11.89 9.02 -7.48
N SER C 22 -11.11 9.36 -8.51
N SER C 22 -11.08 9.34 -8.49
CA SER C 22 -11.38 8.85 -9.88
CA SER C 22 -11.27 8.89 -9.90
C SER C 22 -10.32 7.84 -10.28
C SER C 22 -10.28 7.78 -10.23
N CYS C 23 -10.78 6.80 -11.01
CA CYS C 23 -9.94 5.74 -11.57
C CYS C 23 -10.40 5.54 -13.01
N ARG C 24 -9.50 5.73 -13.98
N ARG C 24 -9.51 5.74 -13.98
CA ARG C 24 -9.81 5.59 -15.43
CA ARG C 24 -9.85 5.56 -15.42
C ARG C 24 -8.98 4.45 -15.99
C ARG C 24 -8.99 4.44 -15.98
N ALA C 25 -9.64 3.52 -16.69
CA ALA C 25 -8.97 2.38 -17.31
C ALA C 25 -8.72 2.72 -18.77
N SER C 26 -7.63 2.16 -19.25
CA SER C 26 -7.13 2.40 -20.63
C SER C 26 -8.01 1.64 -21.62
N GLN C 27 -8.73 0.63 -21.16
CA GLN C 27 -9.73 -0.07 -22.01
C GLN C 27 -10.93 -0.40 -21.14
N SER C 28 -12.06 -0.76 -21.75
N SER C 28 -12.04 -0.76 -21.77
CA SER C 28 -13.29 -1.12 -21.01
CA SER C 28 -13.27 -1.21 -21.06
C SER C 28 -13.09 -2.40 -20.20
C SER C 28 -12.93 -2.40 -20.15
N ILE C 29 -13.43 -2.33 -18.91
CA ILE C 29 -13.27 -3.43 -17.93
C ILE C 29 -14.59 -3.76 -17.25
N SER C 30 -15.71 -3.36 -17.87
N SER C 30 -15.71 -3.34 -17.82
CA SER C 30 -17.06 -3.68 -17.36
CA SER C 30 -17.07 -3.73 -17.36
C SER C 30 -17.06 -3.29 -15.88
C SER C 30 -17.24 -3.25 -15.91
N ASN C 31 -17.44 -4.19 -14.99
CA ASN C 31 -17.50 -3.89 -13.53
C ASN C 31 -16.29 -4.49 -12.80
N PHE C 32 -15.19 -4.94 -13.45
CA PHE C 32 -14.09 -5.71 -12.83
C PHE C 32 -13.05 -4.76 -12.24
N LEU C 33 -13.48 -3.92 -11.29
CA LEU C 33 -12.70 -2.78 -10.75
C LEU C 33 -12.95 -2.77 -9.24
N HIS C 34 -11.91 -2.89 -8.49
CA HIS C 34 -11.97 -3.02 -7.00
C HIS C 34 -11.22 -1.88 -6.35
N TRP C 35 -11.60 -1.52 -5.13
CA TRP C 35 -10.94 -0.39 -4.43
C TRP C 35 -10.38 -0.86 -3.08
N TYR C 36 -9.24 -0.31 -2.74
CA TYR C 36 -8.50 -0.60 -1.49
C TYR C 36 -8.01 0.69 -0.84
N GLN C 37 -7.91 0.59 0.48
CA GLN C 37 -7.30 1.60 1.36
C GLN C 37 -5.94 1.12 1.90
N GLN C 38 -4.94 1.98 1.98
CA GLN C 38 -3.60 1.61 2.52
C GLN C 38 -2.99 2.73 3.32
N LYS C 39 -2.52 2.39 4.52
CA LYS C 39 -1.73 3.29 5.39
C LYS C 39 -0.28 2.82 5.46
N PRO C 40 0.64 3.76 5.77
CA PRO C 40 2.07 3.44 5.80
C PRO C 40 2.35 2.19 6.63
N GLY C 41 3.17 1.30 6.05
CA GLY C 41 3.68 0.09 6.74
C GLY C 41 2.65 -1.02 6.79
N GLN C 42 1.44 -0.82 6.21
CA GLN C 42 0.35 -1.81 6.32
C GLN C 42 0.02 -2.39 4.95
N ALA C 43 -0.60 -3.56 4.93
CA ALA C 43 -1.15 -4.08 3.66
C ALA C 43 -2.38 -3.26 3.25
N PRO C 44 -2.73 -3.27 1.93
CA PRO C 44 -3.99 -2.68 1.49
C PRO C 44 -5.14 -3.44 2.14
N ARG C 45 -6.26 -2.74 2.31
CA ARG C 45 -7.53 -3.29 2.84
C ARG C 45 -8.63 -3.09 1.80
N LEU C 46 -9.32 -4.16 1.43
CA LEU C 46 -10.37 -4.12 0.39
C LEU C 46 -11.60 -3.36 0.88
N LEU C 47 -12.12 -2.47 0.08
CA LEU C 47 -13.31 -1.64 0.38
C LEU C 47 -14.48 -2.03 -0.49
N ILE C 48 -14.23 -2.06 -1.80
CA ILE C 48 -15.31 -2.18 -2.80
C ILE C 48 -14.93 -3.27 -3.77
N LYS C 49 -15.84 -4.18 -4.06
CA LYS C 49 -15.59 -5.17 -5.13
C LYS C 49 -16.54 -4.92 -6.30
N TYR C 50 -16.12 -5.30 -7.52
CA TYR C 50 -16.99 -5.25 -8.72
C TYR C 50 -17.66 -3.87 -8.86
N ALA C 51 -16.83 -2.83 -8.72
CA ALA C 51 -17.07 -1.39 -9.00
C ALA C 51 -17.97 -0.75 -7.95
N SER C 52 -19.04 -1.42 -7.55
CA SER C 52 -20.09 -0.75 -6.75
C SER C 52 -20.59 -1.62 -5.58
N GLN C 53 -20.04 -2.79 -5.35
CA GLN C 53 -20.53 -3.67 -4.24
C GLN C 53 -19.67 -3.41 -3.00
N SER C 54 -20.29 -2.95 -1.89
N SER C 54 -20.31 -2.93 -1.93
N SER C 54 -20.18 -2.78 -1.94
CA SER C 54 -19.57 -2.62 -0.64
CA SER C 54 -19.63 -2.75 -0.62
CA SER C 54 -19.28 -2.63 -0.78
C SER C 54 -19.31 -3.92 0.16
C SER C 54 -19.19 -4.12 -0.09
C SER C 54 -19.22 -3.96 -0.01
N ILE C 55 -18.09 -4.13 0.65
CA ILE C 55 -17.69 -5.35 1.38
C ILE C 55 -18.41 -5.27 2.73
N SER C 56 -18.84 -6.41 3.23
CA SER C 56 -19.42 -6.50 4.59
C SER C 56 -18.50 -5.79 5.59
N GLY C 57 -19.09 -4.89 6.39
CA GLY C 57 -18.35 -4.28 7.48
C GLY C 57 -17.71 -2.97 7.15
N ILE C 58 -17.70 -2.59 5.86
N ILE C 58 -17.64 -2.57 5.86
CA ILE C 58 -17.15 -1.27 5.45
CA ILE C 58 -17.04 -1.24 5.59
C ILE C 58 -18.13 -0.20 5.90
C ILE C 58 -18.10 -0.19 5.86
N PRO C 59 -17.69 0.97 6.41
CA PRO C 59 -18.65 2.02 6.74
C PRO C 59 -19.50 2.49 5.56
N ALA C 60 -20.75 2.86 5.82
CA ALA C 60 -21.72 3.26 4.78
C ALA C 60 -21.25 4.51 4.02
N ARG C 61 -20.33 5.28 4.61
CA ARG C 61 -19.81 6.52 3.97
C ARG C 61 -18.98 6.17 2.73
N PHE C 62 -18.51 4.94 2.57
CA PHE C 62 -17.75 4.53 1.36
C PHE C 62 -18.71 3.99 0.30
N SER C 63 -18.56 4.42 -0.94
N SER C 63 -18.58 4.48 -0.93
CA SER C 63 -19.36 3.82 -2.03
CA SER C 63 -19.40 4.05 -2.10
C SER C 63 -18.61 3.95 -3.36
C SER C 63 -18.48 3.91 -3.31
N GLY C 64 -18.71 2.89 -4.14
CA GLY C 64 -18.09 2.81 -5.45
C GLY C 64 -19.11 2.93 -6.54
N SER C 65 -18.70 3.49 -7.67
N SER C 65 -18.76 3.56 -7.66
CA SER C 65 -19.59 3.60 -8.84
CA SER C 65 -19.68 3.68 -8.82
C SER C 65 -18.78 3.51 -10.12
C SER C 65 -18.85 3.64 -10.11
N GLY C 66 -19.49 3.24 -11.22
CA GLY C 66 -18.89 3.28 -12.55
C GLY C 66 -18.95 1.94 -13.26
N SER C 67 -18.80 2.00 -14.57
CA SER C 67 -18.82 0.80 -15.42
C SER C 67 -18.05 1.15 -16.69
N GLY C 68 -17.24 0.26 -17.20
CA GLY C 68 -16.56 0.51 -18.48
C GLY C 68 -15.17 1.06 -18.26
N THR C 69 -14.97 2.38 -18.38
CA THR C 69 -13.63 2.96 -18.23
C THR C 69 -13.52 3.90 -17.03
N ASP C 70 -14.60 4.46 -16.56
CA ASP C 70 -14.58 5.61 -15.61
C ASP C 70 -15.24 5.18 -14.30
N PHE C 71 -14.47 5.21 -13.22
CA PHE C 71 -14.89 4.69 -11.91
C PHE C 71 -14.63 5.73 -10.84
N THR C 72 -15.45 5.70 -9.79
N THR C 72 -15.49 5.73 -9.82
CA THR C 72 -15.38 6.71 -8.72
CA THR C 72 -15.36 6.66 -8.69
C THR C 72 -15.54 6.03 -7.35
C THR C 72 -15.39 5.87 -7.38
N LEU C 73 -14.60 6.34 -6.43
CA LEU C 73 -14.79 6.01 -5.01
C LEU C 73 -15.23 7.32 -4.34
N THR C 74 -16.29 7.24 -3.59
CA THR C 74 -16.81 8.40 -2.84
C THR C 74 -16.75 8.09 -1.36
N ILE C 75 -16.22 9.05 -0.61
CA ILE C 75 -16.27 9.03 0.86
C ILE C 75 -17.14 10.22 1.23
N SER C 76 -18.34 9.97 1.70
CA SER C 76 -19.38 11.02 1.77
C SER C 76 -19.00 12.12 2.76
N SER C 77 -18.43 11.73 3.87
CA SER C 77 -17.99 12.66 4.96
C SER C 77 -16.76 12.01 5.62
N LEU C 78 -15.57 12.60 5.42
CA LEU C 78 -14.29 12.04 5.92
C LEU C 78 -14.28 11.96 7.44
N GLU C 79 -13.90 10.80 7.94
CA GLU C 79 -13.47 10.66 9.36
C GLU C 79 -11.95 10.78 9.40
N PRO C 80 -11.31 11.17 10.53
CA PRO C 80 -9.84 11.11 10.66
C PRO C 80 -9.20 9.79 10.21
N GLU C 81 -9.86 8.65 10.45
CA GLU C 81 -9.34 7.32 10.14
C GLU C 81 -9.30 7.12 8.62
N ASP C 82 -9.82 8.07 7.86
CA ASP C 82 -9.94 7.88 6.39
C ASP C 82 -8.77 8.50 5.65
N PHE C 83 -7.95 9.31 6.28
CA PHE C 83 -6.75 9.89 5.62
C PHE C 83 -5.73 8.77 5.40
N ALA C 84 -5.46 8.46 4.12
CA ALA C 84 -4.79 7.22 3.68
C ALA C 84 -4.62 7.34 2.17
N VAL C 85 -4.00 6.32 1.57
CA VAL C 85 -3.89 6.21 0.10
C VAL C 85 -4.98 5.23 -0.33
N TYR C 86 -5.59 5.51 -1.48
CA TYR C 86 -6.65 4.63 -2.06
C TYR C 86 -6.18 4.18 -3.42
N PHE C 87 -6.34 2.89 -3.70
CA PHE C 87 -5.90 2.28 -4.98
C PHE C 87 -7.10 1.60 -5.60
N CYS C 88 -7.14 1.64 -6.93
CA CYS C 88 -8.09 0.80 -7.71
C CYS C 88 -7.29 -0.32 -8.37
N GLN C 89 -7.98 -1.42 -8.70
CA GLN C 89 -7.35 -2.63 -9.26
C GLN C 89 -8.32 -3.31 -10.19
N GLN C 90 -7.86 -3.69 -11.38
CA GLN C 90 -8.74 -4.40 -12.33
C GLN C 90 -8.42 -5.90 -12.36
N SER C 91 -9.48 -6.68 -12.60
CA SER C 91 -9.40 -8.15 -12.77
C SER C 91 -10.08 -8.54 -14.08
N ASN C 92 -10.27 -7.60 -15.00
CA ASN C 92 -10.90 -7.88 -16.31
C ASN C 92 -10.05 -8.89 -17.07
N SER C 93 -8.77 -8.61 -17.15
CA SER C 93 -7.86 -9.47 -17.93
C SER C 93 -6.43 -9.38 -17.42
N TRP C 94 -5.58 -10.26 -17.92
N TRP C 94 -5.59 -10.33 -17.84
CA TRP C 94 -4.22 -10.50 -17.37
CA TRP C 94 -4.21 -10.52 -17.36
C TRP C 94 -3.24 -9.58 -18.09
C TRP C 94 -3.27 -9.56 -18.08
N PRO C 95 -2.25 -8.99 -17.39
CA PRO C 95 -2.06 -9.16 -15.95
C PRO C 95 -3.06 -8.27 -15.17
N HIS C 96 -3.50 -8.74 -14.00
CA HIS C 96 -4.26 -7.86 -13.08
C HIS C 96 -3.34 -6.71 -12.68
N THR C 97 -3.90 -5.49 -12.76
CA THR C 97 -3.12 -4.26 -12.57
C THR C 97 -3.80 -3.32 -11.58
N PHE C 98 -2.97 -2.44 -11.03
CA PHE C 98 -3.35 -1.47 -9.99
C PHE C 98 -3.15 -0.06 -10.51
N GLY C 99 -3.95 0.86 -10.00
CA GLY C 99 -3.66 2.30 -10.17
C GLY C 99 -2.52 2.77 -9.28
N GLN C 100 -2.06 4.00 -9.47
CA GLN C 100 -0.87 4.54 -8.79
C GLN C 100 -1.23 5.13 -7.43
N GLY C 101 -2.51 5.20 -7.14
CA GLY C 101 -3.07 5.67 -5.87
C GLY C 101 -3.40 7.13 -5.84
N THR C 102 -4.35 7.49 -4.96
CA THR C 102 -4.68 8.88 -4.60
C THR C 102 -4.48 8.97 -3.11
N LYS C 103 -3.70 9.96 -2.68
CA LYS C 103 -3.50 10.20 -1.24
C LYS C 103 -4.56 11.18 -0.78
N VAL C 104 -5.31 10.84 0.28
CA VAL C 104 -6.29 11.75 0.93
C VAL C 104 -5.59 12.24 2.20
N GLU C 105 -5.21 13.53 2.15
CA GLU C 105 -4.38 14.15 3.20
C GLU C 105 -5.21 15.22 3.91
N ILE C 106 -4.70 15.68 5.04
N ILE C 106 -5.03 15.30 5.23
CA ILE C 106 -5.46 16.63 5.89
CA ILE C 106 -5.86 16.21 6.08
C ILE C 106 -5.22 18.04 5.38
C ILE C 106 -5.36 17.64 5.87
N LYS C 107 -6.32 18.74 5.12
N LYS C 107 -6.28 18.57 5.51
CA LYS C 107 -6.28 20.20 4.99
CA LYS C 107 -5.97 19.94 5.01
C LYS C 107 -5.92 20.77 6.36
C LYS C 107 -6.14 20.95 6.14
N ARG C 108 -5.16 21.84 6.30
CA ARG C 108 -5.09 22.77 7.45
C ARG C 108 -4.78 24.12 6.86
N THR C 109 -4.72 25.14 7.70
CA THR C 109 -4.38 26.50 7.20
C THR C 109 -2.97 26.51 6.64
N VAL C 110 -2.73 27.44 5.74
CA VAL C 110 -1.40 27.63 5.08
C VAL C 110 -0.40 28.01 6.18
N ALA C 111 0.76 27.34 6.20
CA ALA C 111 1.83 27.63 7.17
C ALA C 111 3.15 27.73 6.39
N ALA C 112 3.77 28.90 6.41
CA ALA C 112 5.05 29.13 5.74
C ALA C 112 6.09 28.29 6.46
N PRO C 113 7.09 27.71 5.75
CA PRO C 113 8.18 27.01 6.41
C PRO C 113 9.08 28.02 7.13
N SER C 114 9.64 27.61 8.26
N SER C 114 9.60 27.60 8.27
CA SER C 114 10.89 28.23 8.80
CA SER C 114 10.87 28.13 8.84
C SER C 114 12.07 27.49 8.18
C SER C 114 12.00 27.48 8.03
N VAL C 115 13.01 28.24 7.62
CA VAL C 115 14.06 27.73 6.72
C VAL C 115 15.41 27.98 7.37
N PHE C 116 16.24 26.96 7.32
CA PHE C 116 17.58 26.97 7.95
C PHE C 116 18.58 26.32 7.01
N ILE C 117 19.77 26.94 6.92
CA ILE C 117 20.88 26.38 6.16
C ILE C 117 22.01 26.03 7.13
N PHE C 118 22.61 24.88 6.86
CA PHE C 118 23.73 24.35 7.66
C PHE C 118 24.93 24.11 6.77
N PRO C 119 26.09 24.70 7.11
CA PRO C 119 27.29 24.45 6.34
C PRO C 119 27.78 23.05 6.64
N PRO C 120 28.70 22.51 5.83
CA PRO C 120 29.36 21.25 6.17
C PRO C 120 30.20 21.44 7.44
N SER C 121 30.28 20.39 8.23
CA SER C 121 31.10 20.36 9.44
C SER C 121 32.59 20.30 9.06
N ASP C 122 33.44 20.78 9.93
CA ASP C 122 34.90 20.60 9.72
C ASP C 122 35.24 19.11 9.70
N GLU C 123 34.61 18.31 10.55
CA GLU C 123 34.84 16.84 10.55
C GLU C 123 34.58 16.25 9.17
N GLN C 124 33.47 16.61 8.51
CA GLN C 124 33.18 16.01 7.20
C GLN C 124 34.21 16.49 6.15
N LEU C 125 34.61 17.75 6.21
N LEU C 125 34.52 17.76 6.15
CA LEU C 125 35.52 18.38 5.22
CA LEU C 125 35.50 18.33 5.18
C LEU C 125 36.96 17.86 5.40
C LEU C 125 36.78 17.47 5.22
N LYS C 126 37.20 17.07 6.45
CA LYS C 126 38.46 16.29 6.62
C LYS C 126 38.42 15.06 5.71
N SER C 127 37.23 14.53 5.49
CA SER C 127 36.95 13.27 4.76
C SER C 127 37.01 13.44 3.25
N GLY C 128 37.00 14.68 2.72
CA GLY C 128 37.04 14.91 1.27
C GLY C 128 35.69 15.21 0.61
N THR C 129 34.62 15.35 1.40
CA THR C 129 33.24 15.59 0.89
C THR C 129 32.61 16.73 1.71
N ALA C 130 31.77 17.54 1.06
CA ALA C 130 31.00 18.61 1.71
C ALA C 130 29.53 18.36 1.46
N SER C 131 28.74 18.21 2.52
CA SER C 131 27.27 18.19 2.43
C SER C 131 26.74 19.51 2.99
N VAL C 132 25.92 20.20 2.20
CA VAL C 132 25.26 21.45 2.64
C VAL C 132 23.78 21.11 2.81
N VAL C 133 23.17 21.42 3.95
CA VAL C 133 21.79 20.98 4.24
C VAL C 133 20.87 22.20 4.36
N CYS C 134 19.71 22.11 3.74
CA CYS C 134 18.66 23.14 3.81
C CYS C 134 17.44 22.48 4.45
N LEU C 135 16.93 23.07 5.54
CA LEU C 135 15.76 22.52 6.29
C LEU C 135 14.58 23.43 6.09
N LEU C 136 13.44 22.88 5.67
CA LEU C 136 12.16 23.58 5.61
C LEU C 136 11.30 22.96 6.73
N ASN C 137 11.01 23.70 7.78
CA ASN C 137 10.39 23.13 8.99
C ASN C 137 8.90 23.51 9.08
N ASN C 138 8.04 22.50 9.23
CA ASN C 138 6.61 22.64 9.60
C ASN C 138 5.83 23.59 8.68
N PHE C 139 5.71 23.22 7.40
CA PHE C 139 4.96 24.01 6.41
C PHE C 139 3.72 23.24 5.92
N TYR C 140 2.83 23.97 5.29
CA TYR C 140 1.60 23.42 4.66
C TYR C 140 1.09 24.45 3.66
N PRO C 141 0.71 24.08 2.43
CA PRO C 141 0.74 22.70 1.95
C PRO C 141 2.12 22.13 1.58
N ARG C 142 2.08 20.89 1.09
CA ARG C 142 3.27 20.08 0.75
C ARG C 142 4.13 20.71 -0.36
N GLU C 143 3.51 21.34 -1.33
CA GLU C 143 4.19 21.90 -2.53
C GLU C 143 5.23 22.93 -2.08
N ALA C 144 6.46 22.71 -2.53
N ALA C 144 6.50 22.76 -2.49
CA ALA C 144 7.58 23.60 -2.24
CA ALA C 144 7.62 23.64 -2.05
C ALA C 144 8.53 23.53 -3.43
C ALA C 144 8.81 23.44 -3.00
N LYS C 145 9.35 24.55 -3.54
CA LYS C 145 10.47 24.54 -4.49
C LYS C 145 11.72 24.92 -3.73
N VAL C 146 12.73 24.08 -3.79
CA VAL C 146 14.05 24.39 -3.16
C VAL C 146 15.05 24.49 -4.29
N GLN C 147 15.76 25.60 -4.40
CA GLN C 147 16.80 25.77 -5.41
C GLN C 147 18.08 26.08 -4.66
N TRP C 148 19.16 25.45 -5.07
CA TRP C 148 20.51 25.77 -4.57
C TRP C 148 21.19 26.73 -5.54
N LYS C 149 21.76 27.83 -5.03
CA LYS C 149 22.56 28.76 -5.85
C LYS C 149 23.91 28.86 -5.18
N VAL C 150 24.98 28.72 -5.96
CA VAL C 150 26.34 28.80 -5.41
C VAL C 150 27.07 29.88 -6.21
N ASP C 151 27.40 30.97 -5.54
CA ASP C 151 27.86 32.22 -6.24
C ASP C 151 26.91 32.56 -7.39
N ASN C 152 25.60 32.51 -7.14
CA ASN C 152 24.51 32.82 -8.09
C ASN C 152 24.25 31.69 -9.09
N ALA C 153 25.10 30.68 -9.22
CA ALA C 153 24.90 29.58 -10.23
C ALA C 153 23.86 28.58 -9.72
N LEU C 154 22.78 28.40 -10.48
CA LEU C 154 21.75 27.41 -10.14
C LEU C 154 22.34 26.02 -10.29
N GLN C 155 22.23 25.23 -9.23
CA GLN C 155 22.73 23.85 -9.16
C GLN C 155 21.68 22.90 -9.71
N SER C 156 22.17 21.88 -10.43
CA SER C 156 21.31 20.79 -10.92
C SER C 156 22.05 19.47 -10.78
N GLY C 157 21.35 18.43 -10.36
CA GLY C 157 21.87 17.05 -10.40
C GLY C 157 22.73 16.66 -9.20
N ASN C 158 22.95 17.57 -8.21
CA ASN C 158 23.87 17.35 -7.06
C ASN C 158 23.13 17.59 -5.73
N SER C 159 21.82 17.47 -5.72
CA SER C 159 21.08 17.50 -4.42
C SER C 159 20.07 16.37 -4.35
N GLN C 160 19.68 16.02 -3.13
CA GLN C 160 18.60 15.04 -2.84
C GLN C 160 17.68 15.65 -1.77
N GLU C 161 16.40 15.32 -1.86
CA GLU C 161 15.37 15.83 -0.91
C GLU C 161 14.74 14.65 -0.20
N SER C 162 14.19 14.85 0.98
N SER C 162 14.33 14.88 1.04
CA SER C 162 13.16 13.93 1.52
CA SER C 162 13.58 13.92 1.84
C SER C 162 12.16 14.75 2.31
C SER C 162 12.50 14.70 2.61
N VAL C 163 11.00 14.18 2.58
N VAL C 163 11.32 14.09 2.77
CA VAL C 163 9.90 14.88 3.27
CA VAL C 163 10.14 14.79 3.36
C VAL C 163 9.33 13.93 4.33
C VAL C 163 9.54 13.87 4.43
N THR C 164 9.05 14.47 5.52
CA THR C 164 8.37 13.72 6.58
C THR C 164 6.93 13.43 6.18
N GLU C 165 6.37 12.40 6.83
CA GLU C 165 4.91 12.18 6.82
C GLU C 165 4.25 13.39 7.48
N GLN C 166 3.02 13.65 7.10
CA GLN C 166 2.25 14.73 7.71
C GLN C 166 2.25 14.54 9.23
N ASP C 167 2.59 15.58 9.98
CA ASP C 167 2.75 15.52 11.46
C ASP C 167 1.38 15.20 12.12
N SER C 168 1.37 14.24 13.05
CA SER C 168 0.11 13.72 13.65
C SER C 168 -0.55 14.82 14.50
N LYS C 169 0.21 15.80 15.01
CA LYS C 169 -0.29 16.89 15.89
C LYS C 169 -0.64 18.17 15.13
N ASP C 170 0.16 18.66 14.17
CA ASP C 170 -0.13 19.99 13.56
C ASP C 170 -0.34 19.88 12.05
N SER C 171 -0.36 18.67 11.51
CA SER C 171 -0.70 18.44 10.07
C SER C 171 0.31 19.09 9.11
N THR C 172 1.51 19.47 9.57
CA THR C 172 2.49 20.06 8.63
C THR C 172 3.45 19.00 8.07
N TYR C 173 4.20 19.43 7.05
CA TYR C 173 5.35 18.71 6.47
C TYR C 173 6.67 19.42 6.83
N SER C 174 7.74 18.65 6.84
CA SER C 174 9.11 19.19 6.91
C SER C 174 9.92 18.55 5.79
N LEU C 175 10.96 19.22 5.33
CA LEU C 175 11.70 18.75 4.15
C LEU C 175 13.14 19.11 4.36
N SER C 176 14.01 18.16 4.03
N SER C 176 14.05 18.23 3.93
CA SER C 176 15.46 18.40 3.92
CA SER C 176 15.51 18.43 4.06
C SER C 176 15.85 18.42 2.45
C SER C 176 16.14 18.21 2.68
N SER C 177 16.83 19.24 2.13
CA SER C 177 17.52 19.18 0.81
C SER C 177 19.00 19.15 1.12
N THR C 178 19.74 18.22 0.53
CA THR C 178 21.19 18.06 0.78
C THR C 178 21.92 18.24 -0.54
N LEU C 179 22.81 19.22 -0.54
CA LEU C 179 23.68 19.54 -1.69
C LEU C 179 25.03 18.91 -1.40
N THR C 180 25.52 18.02 -2.28
CA THR C 180 26.80 17.29 -2.00
C THR C 180 27.85 17.61 -3.08
N LEU C 181 28.96 18.13 -2.66
CA LEU C 181 30.14 18.44 -3.50
C LEU C 181 31.38 17.74 -2.93
N SER C 182 32.40 17.53 -3.77
CA SER C 182 33.74 17.17 -3.28
C SER C 182 34.26 18.36 -2.50
N LYS C 183 35.19 18.15 -1.57
CA LYS C 183 35.83 19.22 -0.79
C LYS C 183 36.49 20.18 -1.80
N ALA C 184 37.10 19.63 -2.83
CA ALA C 184 37.79 20.48 -3.85
C ALA C 184 36.76 21.40 -4.54
N ASP C 185 35.60 20.88 -4.97
CA ASP C 185 34.55 21.70 -5.64
C ASP C 185 33.99 22.70 -4.61
N TYR C 186 33.75 22.28 -3.37
CA TYR C 186 33.21 23.16 -2.32
C TYR C 186 34.14 24.35 -2.10
N GLU C 187 35.48 24.12 -2.08
CA GLU C 187 36.44 25.21 -1.78
C GLU C 187 36.57 26.18 -2.98
N LYS C 188 36.01 25.91 -4.15
CA LYS C 188 36.10 26.83 -5.33
C LYS C 188 35.13 28.00 -5.13
N HIS C 189 34.12 27.85 -4.28
CA HIS C 189 32.98 28.79 -4.20
C HIS C 189 32.89 29.49 -2.83
N LYS C 190 32.20 30.63 -2.81
CA LYS C 190 32.08 31.41 -1.57
C LYS C 190 30.64 31.35 -1.01
N VAL C 191 29.67 31.78 -1.77
CA VAL C 191 28.31 31.94 -1.21
C VAL C 191 27.45 30.71 -1.57
N TYR C 192 26.93 30.05 -0.52
CA TYR C 192 25.99 28.93 -0.64
C TYR C 192 24.61 29.41 -0.20
N ALA C 193 23.62 29.24 -1.05
CA ALA C 193 22.27 29.75 -0.81
C ALA C 193 21.24 28.68 -1.12
N CYS C 194 20.27 28.60 -0.25
N CYS C 194 20.28 28.48 -0.24
CA CYS C 194 19.04 27.80 -0.39
CA CYS C 194 19.06 27.71 -0.60
C CYS C 194 17.88 28.78 -0.63
C CYS C 194 17.88 28.68 -0.63
N GLU C 195 17.19 28.67 -1.77
CA GLU C 195 16.09 29.57 -2.08
C GLU C 195 14.82 28.75 -2.09
N VAL C 196 13.92 29.11 -1.18
CA VAL C 196 12.67 28.32 -0.95
C VAL C 196 11.47 29.13 -1.43
N THR C 197 10.64 28.51 -2.25
CA THR C 197 9.37 29.10 -2.73
C THR C 197 8.23 28.27 -2.13
N HIS C 198 7.34 28.95 -1.45
CA HIS C 198 6.13 28.32 -0.85
C HIS C 198 4.96 29.30 -0.79
N GLN C 199 3.75 28.73 -0.81
CA GLN C 199 2.49 29.49 -0.87
C GLN C 199 2.36 30.39 0.35
N GLY C 200 2.98 30.06 1.49
CA GLY C 200 2.78 30.85 2.73
C GLY C 200 3.62 32.11 2.69
N LEU C 201 4.42 32.28 1.66
CA LEU C 201 5.27 33.51 1.53
C LEU C 201 4.91 34.27 0.25
N SER C 202 5.08 35.60 0.27
N SER C 202 5.12 35.59 0.28
CA SER C 202 4.78 36.51 -0.87
CA SER C 202 4.78 36.53 -0.82
C SER C 202 5.85 36.35 -1.94
C SER C 202 5.90 36.54 -1.85
N SER C 203 7.03 35.90 -1.54
CA SER C 203 8.20 35.79 -2.42
C SER C 203 9.13 34.73 -1.83
N PRO C 204 10.10 34.27 -2.61
CA PRO C 204 11.05 33.27 -2.12
C PRO C 204 11.86 33.82 -0.94
N VAL C 205 12.25 32.92 -0.05
CA VAL C 205 13.19 33.27 1.04
C VAL C 205 14.54 32.62 0.69
N THR C 206 15.61 33.38 0.83
CA THR C 206 16.97 32.92 0.56
C THR C 206 17.77 32.88 1.86
N LYS C 207 18.19 31.69 2.23
CA LYS C 207 19.09 31.46 3.38
C LYS C 207 20.47 31.12 2.82
N SER C 208 21.49 31.77 3.35
CA SER C 208 22.82 31.65 2.75
C SER C 208 23.88 31.75 3.84
N PHE C 209 25.05 31.29 3.49
CA PHE C 209 26.29 31.57 4.25
C PHE C 209 27.42 31.76 3.25
N ASN C 210 28.45 32.45 3.71
N ASN C 210 28.50 32.38 3.71
CA ASN C 210 29.74 32.67 3.00
CA ASN C 210 29.74 32.66 2.93
C ASN C 210 30.76 31.69 3.60
C ASN C 210 30.82 31.79 3.56
N ARG C 211 31.37 30.83 2.77
CA ARG C 211 32.30 29.73 3.18
C ARG C 211 33.44 30.26 4.08
N GLY C 212 33.93 31.45 3.79
CA GLY C 212 34.97 32.11 4.62
C GLY C 212 34.41 32.64 5.92
N GLU C 213 33.33 33.43 5.80
CA GLU C 213 32.35 33.91 6.82
C GLU C 213 32.37 35.45 6.82
#